data_5O1G
#
_entry.id   5O1G
#
_cell.length_a   65.132
_cell.length_b   71.063
_cell.length_c   105.058
_cell.angle_alpha   90.00
_cell.angle_beta   90.00
_cell.angle_gamma   90.00
#
_symmetry.space_group_name_H-M   'P 21 21 21'
#
loop_
_entity.id
_entity.type
_entity.pdbx_description
1 polymer 'Cellular tumor antigen p53'
2 non-polymer 'ZINC ION'
3 non-polymer '3-iodanyl-2-oxidanyl-5-(2-phenylethoxy)-4-pyrrol-1-yl-benzoic acid'
4 non-polymer GLYCEROL
5 water water
#
_entity_poly.entity_id   1
_entity_poly.type   'polypeptide(L)'
_entity_poly.pdbx_seq_one_letter_code
;SSSVPSQKTYQGSYGFRLGFLHSGTAKSVTCTYSPALNKLFCQLAKTCPVQLWVDSTPPPGTRVRAMAIYKQSQHMTEVV
RRCPHHERCSDSDGLAPPQHLIRVEGNLRAEYLDDRNTFRHSVVVPCEPPEVGSDCTTIHYNYMCYSSCMGGMNRRPILT
IITLEDSSGNLLGRDSFEVRVCACPGRDRRTEEENLRKKGEPHHELPPGSTKRALPNNT
;
_entity_poly.pdbx_strand_id   A,B
#
loop_
_chem_comp.id
_chem_comp.type
_chem_comp.name
_chem_comp.formula
9GK non-polymer '3-iodanyl-2-oxidanyl-5-(2-phenylethoxy)-4-pyrrol-1-yl-benzoic acid' 'C19 H16 I N O4'
GOL non-polymer GLYCEROL 'C3 H8 O3'
ZN non-polymer 'ZINC ION' 'Zn 2'
#
# COMPACT_ATOMS: atom_id res chain seq x y z
N SER A 3 5.87 -12.42 -2.54
CA SER A 3 4.64 -13.21 -2.49
C SER A 3 3.42 -12.29 -2.53
N VAL A 4 3.66 -10.99 -2.60
CA VAL A 4 2.61 -9.99 -2.81
C VAL A 4 3.04 -8.99 -3.87
N PRO A 5 2.29 -8.82 -4.95
CA PRO A 5 2.64 -7.82 -5.97
C PRO A 5 2.53 -6.41 -5.42
N SER A 6 3.45 -5.54 -5.85
CA SER A 6 3.40 -4.16 -5.41
C SER A 6 2.18 -3.46 -5.98
N GLN A 7 1.63 -2.51 -5.21
CA GLN A 7 0.53 -1.67 -5.67
C GLN A 7 0.91 -0.20 -5.71
N LYS A 8 2.21 0.10 -5.64
CA LYS A 8 2.66 1.50 -5.60
C LYS A 8 2.41 2.17 -6.94
N THR A 9 1.70 3.30 -6.92
CA THR A 9 1.49 4.05 -8.15
C THR A 9 2.83 4.56 -8.67
N TYR A 10 3.06 4.37 -9.96
CA TYR A 10 4.36 4.71 -10.55
C TYR A 10 4.11 5.16 -11.98
N GLN A 11 4.23 6.47 -12.25
CA GLN A 11 4.00 6.91 -13.62
C GLN A 11 5.12 6.52 -14.55
N GLY A 12 6.36 6.47 -14.04
CA GLY A 12 7.49 6.07 -14.87
C GLY A 12 7.83 7.11 -15.95
N SER A 13 8.72 6.68 -16.83
CA SER A 13 9.28 7.57 -17.85
C SER A 13 8.24 8.05 -18.85
N TYR A 14 7.17 7.30 -19.05
CA TYR A 14 6.18 7.63 -20.06
C TYR A 14 4.96 8.33 -19.49
N GLY A 15 4.93 8.60 -18.19
CA GLY A 15 3.79 9.29 -17.60
C GLY A 15 2.53 8.46 -17.62
N PHE A 16 2.62 7.18 -17.28
CA PHE A 16 1.51 6.25 -17.40
C PHE A 16 0.50 6.43 -16.27
N ARG A 17 -0.79 6.48 -16.62
CA ARG A 17 -1.84 6.50 -15.61
C ARG A 17 -3.16 6.06 -16.26
N LEU A 18 -4.11 5.70 -15.42
CA LEU A 18 -5.41 5.25 -15.88
C LEU A 18 -6.40 6.41 -15.98
N GLY A 19 -7.49 6.16 -16.70
CA GLY A 19 -8.61 7.08 -16.71
C GLY A 19 -9.90 6.29 -16.77
N PHE A 20 -10.98 6.89 -16.26
CA PHE A 20 -12.28 6.25 -16.23
C PHE A 20 -13.34 7.19 -16.76
N LEU A 21 -14.36 6.62 -17.38
CA LEU A 21 -15.50 7.38 -17.86
C LEU A 21 -16.33 7.89 -16.68
N HIS A 22 -17.27 8.78 -16.97
CA HIS A 22 -18.17 9.35 -15.97
C HIS A 22 -19.57 8.83 -16.27
N SER A 23 -19.89 7.67 -15.69
CA SER A 23 -21.09 6.93 -16.05
C SER A 23 -22.27 7.22 -15.14
N GLY A 24 -22.07 7.90 -14.02
CA GLY A 24 -23.16 8.23 -13.12
C GLY A 24 -23.54 7.07 -12.23
N THR A 25 -24.61 7.28 -11.46
CA THR A 25 -25.02 6.31 -10.45
C THR A 25 -26.48 5.89 -10.58
N ALA A 26 -27.07 6.01 -11.77
CA ALA A 26 -28.43 5.55 -11.95
C ALA A 26 -28.55 4.06 -11.67
N LYS A 27 -29.75 3.63 -11.27
CA LYS A 27 -29.95 2.22 -10.93
C LYS A 27 -29.60 1.30 -12.08
N SER A 28 -29.69 1.80 -13.32
CA SER A 28 -29.44 0.99 -14.51
C SER A 28 -27.98 0.90 -14.91
N VAL A 29 -27.08 1.64 -14.26
CA VAL A 29 -25.69 1.67 -14.71
C VAL A 29 -25.03 0.33 -14.47
N THR A 30 -24.18 -0.09 -15.41
CA THR A 30 -23.54 -1.41 -15.30
C THR A 30 -22.09 -1.34 -14.86
N CYS A 31 -21.49 -0.16 -14.91
CA CYS A 31 -20.09 0.03 -14.53
C CYS A 31 -19.97 1.51 -14.21
N THR A 32 -19.43 1.82 -13.04
CA THR A 32 -19.27 3.21 -12.64
C THR A 32 -18.07 3.33 -11.71
N TYR A 33 -17.29 4.39 -11.89
CA TYR A 33 -16.05 4.59 -11.15
C TYR A 33 -16.20 5.76 -10.17
N SER A 34 -15.76 5.54 -8.94
CA SER A 34 -15.76 6.57 -7.91
C SER A 34 -14.37 7.14 -7.72
N PRO A 35 -14.08 8.37 -8.16
CA PRO A 35 -12.77 8.94 -7.84
C PRO A 35 -12.53 9.12 -6.36
N ALA A 36 -13.57 9.47 -5.59
CA ALA A 36 -13.37 9.71 -4.16
C ALA A 36 -12.92 8.45 -3.45
N LEU A 37 -13.38 7.29 -3.91
CA LEU A 37 -13.03 6.00 -3.32
C LEU A 37 -11.92 5.28 -4.08
N ASN A 38 -11.50 5.80 -5.23
CA ASN A 38 -10.66 5.08 -6.21
C ASN A 38 -11.15 3.65 -6.38
N LYS A 39 -12.43 3.52 -6.74
CA LYS A 39 -13.11 2.23 -6.72
C LYS A 39 -14.06 2.11 -7.89
N LEU A 40 -13.92 1.03 -8.65
CA LEU A 40 -14.82 0.70 -9.75
C LEU A 40 -15.89 -0.24 -9.22
N PHE A 41 -17.15 0.05 -9.57
CA PHE A 41 -18.29 -0.79 -9.24
C PHE A 41 -18.87 -1.31 -10.55
N CYS A 42 -19.02 -2.63 -10.67
CA CYS A 42 -19.50 -3.15 -11.95
C CYS A 42 -20.34 -4.40 -11.71
N GLN A 43 -21.20 -4.67 -12.69
CA GLN A 43 -21.97 -5.90 -12.72
C GLN A 43 -21.12 -7.05 -13.25
N LEU A 44 -21.58 -8.27 -12.96
CA LEU A 44 -20.89 -9.47 -13.36
C LEU A 44 -20.80 -9.58 -14.87
N ALA A 45 -19.57 -9.77 -15.37
CA ALA A 45 -19.32 -10.05 -16.79
C ALA A 45 -19.77 -8.92 -17.72
N LYS A 46 -19.82 -7.70 -17.23
CA LYS A 46 -20.15 -6.55 -18.07
C LYS A 46 -18.89 -5.78 -18.43
N THR A 47 -18.98 -5.04 -19.53
CA THR A 47 -17.84 -4.29 -20.05
C THR A 47 -17.40 -3.21 -19.07
N CYS A 48 -16.12 -3.20 -18.74
CA CYS A 48 -15.54 -2.14 -17.90
C CYS A 48 -14.48 -1.42 -18.70
N PRO A 49 -14.77 -0.23 -19.24
CA PRO A 49 -13.77 0.50 -20.03
C PRO A 49 -12.76 1.16 -19.11
N VAL A 50 -11.47 0.88 -19.35
CA VAL A 50 -10.39 1.49 -18.60
C VAL A 50 -9.48 2.19 -19.60
N GLN A 51 -9.31 3.50 -19.43
CA GLN A 51 -8.43 4.25 -20.31
C GLN A 51 -6.99 4.18 -19.84
N LEU A 52 -6.07 4.17 -20.80
N LEU A 52 -6.07 4.13 -20.80
CA LEU A 52 -4.64 4.24 -20.55
CA LEU A 52 -4.64 4.25 -20.53
C LEU A 52 -4.15 5.55 -21.13
C LEU A 52 -4.18 5.57 -21.11
N TRP A 53 -3.42 6.33 -20.33
CA TRP A 53 -2.91 7.63 -20.72
C TRP A 53 -1.40 7.63 -20.53
N VAL A 54 -0.68 8.27 -21.46
CA VAL A 54 0.76 8.46 -21.32
C VAL A 54 1.09 9.87 -21.78
N ASP A 55 2.22 10.38 -21.29
CA ASP A 55 2.74 11.65 -21.77
C ASP A 55 3.60 11.50 -23.02
N SER A 56 4.19 10.32 -23.23
CA SER A 56 5.00 10.09 -24.42
C SER A 56 4.86 8.62 -24.80
N THR A 57 5.14 8.34 -26.05
CA THR A 57 4.87 7.02 -26.62
C THR A 57 5.89 6.00 -26.10
N PRO A 58 5.45 4.89 -25.54
CA PRO A 58 6.40 3.83 -25.16
C PRO A 58 6.85 3.04 -26.37
N PRO A 59 7.89 2.21 -26.22
CA PRO A 59 8.45 1.49 -27.37
C PRO A 59 7.51 0.43 -27.92
N PRO A 60 7.69 0.05 -29.18
CA PRO A 60 6.99 -1.13 -29.71
C PRO A 60 7.30 -2.35 -28.85
N GLY A 61 6.28 -3.15 -28.57
CA GLY A 61 6.45 -4.30 -27.71
C GLY A 61 6.09 -4.06 -26.26
N THR A 62 5.83 -2.82 -25.88
CA THR A 62 5.32 -2.56 -24.54
C THR A 62 3.95 -3.21 -24.39
N ARG A 63 3.64 -3.69 -23.18
CA ARG A 63 2.38 -4.37 -22.91
C ARG A 63 1.73 -3.83 -21.64
N VAL A 64 0.44 -4.12 -21.49
CA VAL A 64 -0.34 -3.70 -20.33
C VAL A 64 -0.92 -4.95 -19.68
N ARG A 65 -0.60 -5.17 -18.41
CA ARG A 65 -1.04 -6.34 -17.65
C ARG A 65 -2.01 -5.93 -16.56
N ALA A 66 -3.04 -6.77 -16.33
CA ALA A 66 -3.98 -6.58 -15.23
C ALA A 66 -3.94 -7.80 -14.32
N MET A 67 -3.98 -7.56 -13.02
CA MET A 67 -3.94 -8.61 -12.01
C MET A 67 -4.77 -8.16 -10.81
N ALA A 68 -5.48 -9.09 -10.18
CA ALA A 68 -6.23 -8.77 -8.97
C ALA A 68 -5.51 -9.30 -7.74
N ILE A 69 -5.54 -8.53 -6.66
CA ILE A 69 -5.08 -8.99 -5.35
C ILE A 69 -6.13 -8.62 -4.31
N TYR A 70 -6.13 -9.34 -3.19
CA TYR A 70 -6.98 -8.93 -2.08
C TYR A 70 -6.45 -7.65 -1.46
N LYS A 71 -7.36 -6.75 -1.11
CA LYS A 71 -6.97 -5.45 -0.57
C LYS A 71 -6.52 -5.55 0.89
N GLN A 72 -7.14 -6.41 1.68
CA GLN A 72 -6.79 -6.52 3.10
C GLN A 72 -5.49 -7.32 3.25
N SER A 73 -4.60 -6.79 4.09
CA SER A 73 -3.26 -7.38 4.21
CA SER A 73 -3.26 -7.38 4.21
C SER A 73 -3.32 -8.84 4.62
N GLN A 74 -4.27 -9.20 5.50
CA GLN A 74 -4.35 -10.58 6.00
C GLN A 74 -4.79 -11.58 4.93
N HIS A 75 -5.23 -11.11 3.76
CA HIS A 75 -5.60 -11.97 2.65
C HIS A 75 -4.70 -11.78 1.43
N MET A 76 -3.72 -10.90 1.50
CA MET A 76 -3.00 -10.50 0.29
C MET A 76 -2.20 -11.64 -0.34
N THR A 77 -1.77 -12.63 0.44
CA THR A 77 -1.02 -13.72 -0.13
C THR A 77 -1.89 -14.76 -0.82
N GLU A 78 -3.22 -14.67 -0.71
CA GLU A 78 -4.12 -15.62 -1.33
C GLU A 78 -4.40 -15.21 -2.77
N VAL A 79 -4.27 -16.16 -3.70
CA VAL A 79 -4.55 -15.88 -5.10
C VAL A 79 -6.02 -15.55 -5.28
N VAL A 80 -6.31 -14.43 -5.95
CA VAL A 80 -7.68 -14.10 -6.33
C VAL A 80 -8.07 -14.96 -7.53
N ARG A 81 -9.15 -15.73 -7.38
CA ARG A 81 -9.60 -16.62 -8.44
C ARG A 81 -11.12 -16.67 -8.44
N ARG A 82 -11.67 -17.22 -9.51
CA ARG A 82 -13.12 -17.44 -9.54
C ARG A 82 -13.52 -18.53 -8.55
N CYS A 83 -14.77 -18.42 -8.09
CA CYS A 83 -15.30 -19.28 -7.05
C CYS A 83 -15.58 -20.67 -7.60
N PRO A 84 -15.87 -21.65 -6.72
CA PRO A 84 -16.06 -23.02 -7.19
C PRO A 84 -17.22 -23.19 -8.15
N HIS A 85 -18.22 -22.31 -8.10
CA HIS A 85 -19.31 -22.35 -9.07
C HIS A 85 -18.89 -21.76 -10.41
N HIS A 86 -18.38 -20.52 -10.40
CA HIS A 86 -18.11 -19.85 -11.67
C HIS A 86 -16.96 -20.48 -12.44
N GLU A 87 -15.98 -21.08 -11.75
CA GLU A 87 -14.92 -21.73 -12.51
C GLU A 87 -15.41 -22.94 -13.30
N ARG A 88 -16.62 -23.44 -12.98
CA ARG A 88 -17.18 -24.63 -13.61
C ARG A 88 -18.39 -24.32 -14.49
N CYS A 89 -18.71 -23.06 -14.76
N CYS A 89 -18.67 -23.04 -14.76
CA CYS A 89 -19.96 -22.77 -15.44
CA CYS A 89 -19.91 -22.64 -15.44
C CYS A 89 -19.84 -22.71 -16.96
C CYS A 89 -19.86 -22.88 -16.94
N SER A 90 -18.69 -23.07 -17.52
CA SER A 90 -18.51 -23.24 -18.96
C SER A 90 -18.91 -21.98 -19.74
N ASP A 91 -18.49 -20.82 -19.22
CA ASP A 91 -18.70 -19.54 -19.90
C ASP A 91 -17.44 -19.06 -20.61
N SER A 92 -16.59 -19.98 -21.04
CA SER A 92 -15.33 -19.65 -21.68
C SER A 92 -15.57 -18.83 -22.94
N ASP A 93 -14.64 -17.91 -23.21
CA ASP A 93 -14.60 -17.19 -24.48
C ASP A 93 -13.62 -17.82 -25.46
N GLY A 94 -13.08 -18.99 -25.13
CA GLY A 94 -12.11 -19.65 -25.96
C GLY A 94 -10.67 -19.29 -25.70
N LEU A 95 -10.41 -18.29 -24.88
CA LEU A 95 -9.05 -17.83 -24.59
C LEU A 95 -8.77 -17.72 -23.10
N ALA A 96 -9.69 -17.17 -22.32
CA ALA A 96 -9.46 -17.03 -20.88
C ALA A 96 -9.63 -18.37 -20.19
N PRO A 97 -8.70 -18.78 -19.35
CA PRO A 97 -8.93 -19.97 -18.53
C PRO A 97 -10.13 -19.74 -17.64
N PRO A 98 -10.91 -20.79 -17.36
CA PRO A 98 -12.15 -20.61 -16.57
C PRO A 98 -11.91 -20.16 -15.15
N GLN A 99 -10.69 -20.29 -14.62
CA GLN A 99 -10.39 -19.86 -13.27
C GLN A 99 -10.14 -18.37 -13.15
N HIS A 100 -9.86 -17.67 -14.25
CA HIS A 100 -9.41 -16.28 -14.17
C HIS A 100 -10.57 -15.32 -13.91
N LEU A 101 -10.41 -14.46 -12.91
CA LEU A 101 -11.41 -13.45 -12.60
C LEU A 101 -11.49 -12.38 -13.68
N ILE A 102 -10.34 -11.89 -14.14
CA ILE A 102 -10.29 -10.75 -15.06
C ILE A 102 -10.08 -11.27 -16.48
N ARG A 103 -10.97 -10.86 -17.39
CA ARG A 103 -10.83 -11.10 -18.82
C ARG A 103 -10.70 -9.78 -19.55
N VAL A 104 -10.04 -9.82 -20.71
CA VAL A 104 -10.08 -8.73 -21.67
C VAL A 104 -11.06 -9.11 -22.76
N GLU A 105 -11.96 -8.20 -23.07
CA GLU A 105 -12.99 -8.39 -24.07
C GLU A 105 -12.53 -7.86 -25.42
N GLY A 106 -12.77 -8.62 -26.48
CA GLY A 106 -12.60 -8.13 -27.84
C GLY A 106 -11.17 -7.83 -28.26
N ASN A 107 -10.21 -8.63 -27.81
CA ASN A 107 -8.81 -8.44 -28.22
C ASN A 107 -8.19 -9.82 -28.37
N LEU A 108 -8.03 -10.27 -29.62
CA LEU A 108 -7.48 -11.59 -29.86
C LEU A 108 -6.00 -11.70 -29.51
N ARG A 109 -5.33 -10.59 -29.21
CA ARG A 109 -3.93 -10.62 -28.81
C ARG A 109 -3.76 -10.69 -27.30
N ALA A 110 -4.85 -10.77 -26.53
CA ALA A 110 -4.74 -10.93 -25.10
C ALA A 110 -4.12 -12.28 -24.77
N GLU A 111 -3.24 -12.30 -23.78
CA GLU A 111 -2.62 -13.51 -23.29
CA GLU A 111 -2.59 -13.50 -23.28
C GLU A 111 -2.91 -13.65 -21.81
N TYR A 112 -3.17 -14.88 -21.37
CA TYR A 112 -3.50 -15.17 -19.99
C TYR A 112 -2.37 -15.95 -19.37
N LEU A 113 -1.91 -15.51 -18.20
CA LEU A 113 -0.78 -16.11 -17.52
C LEU A 113 -1.22 -16.72 -16.20
N ASP A 114 -0.85 -17.97 -15.97
CA ASP A 114 -0.83 -18.58 -14.65
C ASP A 114 0.64 -18.58 -14.24
N ASP A 115 0.99 -17.76 -13.26
CA ASP A 115 2.41 -17.63 -12.90
C ASP A 115 2.93 -18.94 -12.34
N ARG A 116 4.05 -19.41 -12.88
CA ARG A 116 4.57 -20.72 -12.50
C ARG A 116 5.10 -20.74 -11.07
N ASN A 117 5.40 -19.59 -10.49
CA ASN A 117 5.92 -19.52 -9.12
C ASN A 117 4.93 -19.01 -8.10
N THR A 118 4.15 -17.98 -8.43
CA THR A 118 3.20 -17.42 -7.48
C THR A 118 1.79 -17.96 -7.66
N PHE A 119 1.51 -18.61 -8.80
CA PHE A 119 0.20 -19.14 -9.14
C PHE A 119 -0.84 -18.05 -9.38
N ARG A 120 -0.44 -16.79 -9.40
CA ARG A 120 -1.39 -15.71 -9.64
C ARG A 120 -1.76 -15.64 -11.11
N HIS A 121 -2.95 -15.14 -11.37
CA HIS A 121 -3.49 -15.00 -12.71
C HIS A 121 -3.33 -13.56 -13.18
N SER A 122 -3.10 -13.41 -14.47
CA SER A 122 -3.11 -12.09 -15.05
C SER A 122 -3.45 -12.18 -16.53
N VAL A 123 -3.83 -11.05 -17.11
CA VAL A 123 -4.14 -10.95 -18.52
C VAL A 123 -3.37 -9.76 -19.07
N VAL A 124 -2.69 -9.94 -20.20
CA VAL A 124 -1.78 -8.94 -20.72
C VAL A 124 -2.09 -8.73 -22.21
N VAL A 125 -2.07 -7.47 -22.65
CA VAL A 125 -2.31 -7.13 -24.04
C VAL A 125 -1.19 -6.24 -24.56
N PRO A 126 -0.91 -6.26 -25.85
CA PRO A 126 0.08 -5.33 -26.41
C PRO A 126 -0.46 -3.90 -26.39
N CYS A 127 0.42 -2.96 -26.13
CA CYS A 127 0.06 -1.55 -26.29
C CYS A 127 -0.19 -1.26 -27.76
N GLU A 128 -1.26 -0.52 -28.03
CA GLU A 128 -1.54 -0.01 -29.36
C GLU A 128 -1.75 1.49 -29.26
N PRO A 129 -1.30 2.25 -30.25
CA PRO A 129 -1.51 3.71 -30.21
C PRO A 129 -2.99 4.04 -30.31
N PRO A 130 -3.39 5.20 -29.80
CA PRO A 130 -4.81 5.60 -29.93
C PRO A 130 -5.24 5.65 -31.39
N GLU A 131 -6.52 5.39 -31.61
CA GLU A 131 -7.08 5.56 -32.94
C GLU A 131 -7.05 7.03 -33.32
N VAL A 132 -7.05 7.28 -34.64
CA VAL A 132 -7.01 8.65 -35.13
C VAL A 132 -8.18 9.43 -34.58
N GLY A 133 -7.90 10.59 -34.00
CA GLY A 133 -8.92 11.40 -33.37
C GLY A 133 -9.11 11.14 -31.89
N SER A 134 -8.38 10.17 -31.33
CA SER A 134 -8.44 9.90 -29.90
C SER A 134 -7.10 10.22 -29.26
N ASP A 135 -7.14 10.52 -27.97
CA ASP A 135 -5.95 10.89 -27.21
C ASP A 135 -5.51 9.82 -26.22
N CYS A 136 -6.27 8.74 -26.09
CA CYS A 136 -5.90 7.65 -25.21
C CYS A 136 -6.37 6.35 -25.84
N THR A 137 -5.97 5.25 -25.23
CA THR A 137 -6.43 3.94 -25.64
CA THR A 137 -6.38 3.91 -25.63
C THR A 137 -7.24 3.33 -24.51
N THR A 138 -8.21 2.51 -24.86
CA THR A 138 -9.11 1.91 -23.90
C THR A 138 -9.01 0.39 -23.97
N ILE A 139 -8.93 -0.26 -22.81
CA ILE A 139 -9.05 -1.70 -22.70
C ILE A 139 -10.40 -2.00 -22.06
N HIS A 140 -11.09 -3.00 -22.58
CA HIS A 140 -12.38 -3.41 -22.03
C HIS A 140 -12.18 -4.66 -21.18
N TYR A 141 -12.35 -4.54 -19.87
CA TYR A 141 -12.21 -5.66 -18.95
C TYR A 141 -13.57 -6.21 -18.54
N ASN A 142 -13.59 -7.48 -18.17
CA ASN A 142 -14.75 -8.12 -17.57
C ASN A 142 -14.31 -8.78 -16.28
N TYR A 143 -15.14 -8.68 -15.24
CA TYR A 143 -14.91 -9.37 -13.98
C TYR A 143 -15.92 -10.50 -13.84
N MET A 144 -15.44 -11.72 -13.61
CA MET A 144 -16.23 -12.92 -13.86
C MET A 144 -16.77 -13.60 -12.62
N CYS A 145 -16.72 -12.95 -11.46
CA CYS A 145 -17.35 -13.40 -10.22
C CYS A 145 -17.82 -12.17 -9.47
N TYR A 146 -18.85 -12.35 -8.64
CA TYR A 146 -19.27 -11.29 -7.73
C TYR A 146 -18.32 -11.22 -6.55
N SER A 147 -18.15 -10.01 -5.99
CA SER A 147 -17.38 -9.89 -4.77
C SER A 147 -17.91 -10.80 -3.66
N SER A 148 -19.21 -11.08 -3.66
CA SER A 148 -19.85 -11.89 -2.64
C SER A 148 -19.73 -13.39 -2.85
N CYS A 149 -19.15 -13.87 -3.96
CA CYS A 149 -19.21 -15.29 -4.28
C CYS A 149 -18.60 -16.15 -3.19
N MET A 150 -19.37 -17.11 -2.69
CA MET A 150 -18.89 -17.98 -1.62
C MET A 150 -17.81 -18.91 -2.14
N GLY A 151 -16.79 -19.15 -1.31
CA GLY A 151 -15.67 -19.95 -1.72
C GLY A 151 -14.72 -19.27 -2.70
N GLY A 152 -15.03 -18.05 -3.11
CA GLY A 152 -14.13 -17.25 -3.93
C GLY A 152 -13.78 -15.97 -3.20
N MET A 153 -14.11 -14.81 -3.77
CA MET A 153 -13.81 -13.56 -3.08
C MET A 153 -14.50 -13.46 -1.73
N ASN A 154 -15.71 -14.03 -1.60
CA ASN A 154 -16.35 -14.21 -0.30
C ASN A 154 -16.46 -12.90 0.47
N ARG A 155 -16.88 -11.84 -0.22
CA ARG A 155 -17.12 -10.49 0.31
C ARG A 155 -15.84 -9.70 0.58
N ARG A 156 -14.68 -10.25 0.29
CA ARG A 156 -13.43 -9.55 0.54
C ARG A 156 -13.14 -8.57 -0.60
N PRO A 157 -12.82 -7.32 -0.30
CA PRO A 157 -12.49 -6.38 -1.38
CA PRO A 157 -12.48 -6.37 -1.37
C PRO A 157 -11.21 -6.74 -2.10
N ILE A 158 -11.16 -6.41 -3.38
CA ILE A 158 -10.00 -6.62 -4.21
C ILE A 158 -9.53 -5.32 -4.83
N LEU A 159 -8.26 -5.29 -5.22
N LEU A 159 -8.31 -5.35 -5.34
CA LEU A 159 -7.70 -4.26 -6.07
CA LEU A 159 -7.68 -4.25 -6.05
C LEU A 159 -7.34 -4.89 -7.40
C LEU A 159 -7.17 -4.81 -7.37
N THR A 160 -7.46 -4.11 -8.47
CA THR A 160 -6.85 -4.44 -9.75
C THR A 160 -5.61 -3.58 -9.90
N ILE A 161 -4.49 -4.22 -10.21
CA ILE A 161 -3.22 -3.56 -10.47
C ILE A 161 -2.98 -3.61 -11.97
N ILE A 162 -2.78 -2.45 -12.59
CA ILE A 162 -2.49 -2.36 -14.02
C ILE A 162 -1.03 -1.94 -14.15
N THR A 163 -0.24 -2.75 -14.84
CA THR A 163 1.17 -2.46 -15.03
CA THR A 163 1.18 -2.51 -15.03
C THR A 163 1.49 -2.29 -16.50
N LEU A 164 2.30 -1.27 -16.79
CA LEU A 164 2.89 -1.09 -18.11
C LEU A 164 4.25 -1.78 -18.05
N GLU A 165 4.52 -2.66 -19.02
CA GLU A 165 5.70 -3.52 -18.97
C GLU A 165 6.42 -3.48 -20.30
N ASP A 166 7.75 -3.63 -20.26
CA ASP A 166 8.50 -3.79 -21.50
C ASP A 166 8.31 -5.21 -22.05
N SER A 167 8.94 -5.49 -23.19
CA SER A 167 8.73 -6.75 -23.87
C SER A 167 9.22 -7.96 -23.06
N SER A 168 10.13 -7.76 -22.11
CA SER A 168 10.59 -8.83 -21.25
C SER A 168 9.85 -8.87 -19.92
N GLY A 169 8.88 -8.00 -19.71
CA GLY A 169 8.09 -8.00 -18.49
C GLY A 169 8.58 -7.07 -17.42
N ASN A 170 9.60 -6.25 -17.68
CA ASN A 170 10.09 -5.32 -16.68
C ASN A 170 9.13 -4.15 -16.50
N LEU A 171 9.07 -3.64 -15.27
CA LEU A 171 8.12 -2.59 -14.91
C LEU A 171 8.46 -1.26 -15.55
N LEU A 172 7.46 -0.66 -16.22
CA LEU A 172 7.58 0.71 -16.72
C LEU A 172 6.62 1.68 -16.05
N GLY A 173 5.51 1.20 -15.51
CA GLY A 173 4.52 2.06 -14.88
C GLY A 173 3.50 1.19 -14.17
N ARG A 174 2.81 1.79 -13.20
CA ARG A 174 1.82 1.05 -12.43
C ARG A 174 0.73 1.98 -11.93
N ASP A 175 -0.50 1.49 -11.93
CA ASP A 175 -1.63 2.18 -11.33
C ASP A 175 -2.56 1.11 -10.79
N SER A 176 -3.56 1.50 -10.02
CA SER A 176 -4.44 0.52 -9.41
C SER A 176 -5.75 1.16 -8.98
N PHE A 177 -6.75 0.30 -8.74
CA PHE A 177 -8.06 0.75 -8.28
C PHE A 177 -8.74 -0.42 -7.57
N GLU A 178 -9.56 -0.09 -6.57
CA GLU A 178 -10.38 -1.11 -5.93
C GLU A 178 -11.54 -1.49 -6.86
N VAL A 179 -12.04 -2.72 -6.71
CA VAL A 179 -13.18 -3.18 -7.50
C VAL A 179 -14.19 -3.83 -6.58
N ARG A 180 -15.47 -3.53 -6.81
CA ARG A 180 -16.58 -4.29 -6.25
C ARG A 180 -17.44 -4.78 -7.42
N VAL A 181 -17.62 -6.08 -7.51
CA VAL A 181 -18.50 -6.67 -8.52
C VAL A 181 -19.81 -6.98 -7.81
N CYS A 182 -20.89 -6.36 -8.26
CA CYS A 182 -22.14 -6.38 -7.50
C CYS A 182 -23.32 -6.21 -8.44
N ALA A 183 -24.52 -6.48 -7.90
CA ALA A 183 -25.70 -6.45 -8.74
C ALA A 183 -26.13 -5.03 -9.09
N CYS A 184 -25.89 -4.06 -8.20
CA CYS A 184 -26.37 -2.69 -8.38
CA CYS A 184 -26.37 -2.68 -8.38
C CYS A 184 -25.22 -1.70 -8.14
N PRO A 185 -24.33 -1.55 -9.11
CA PRO A 185 -23.17 -0.67 -8.93
C PRO A 185 -23.53 0.78 -8.61
N GLY A 186 -24.58 1.32 -9.22
CA GLY A 186 -24.94 2.71 -8.97
C GLY A 186 -25.36 2.95 -7.52
N ARG A 187 -26.23 2.08 -7.01
CA ARG A 187 -26.64 2.20 -5.61
C ARG A 187 -25.47 1.98 -4.66
N ASP A 188 -24.61 1.01 -4.95
CA ASP A 188 -23.50 0.75 -4.04
C ASP A 188 -22.49 1.89 -4.06
N ARG A 189 -22.22 2.47 -5.24
CA ARG A 189 -21.35 3.65 -5.27
C ARG A 189 -21.94 4.79 -4.44
N ARG A 190 -23.24 5.05 -4.59
CA ARG A 190 -23.86 6.13 -3.82
C ARG A 190 -23.77 5.84 -2.32
N THR A 191 -24.03 4.60 -1.91
CA THR A 191 -23.96 4.25 -0.50
C THR A 191 -22.55 4.43 0.05
N GLU A 192 -21.55 3.94 -0.67
CA GLU A 192 -20.19 4.00 -0.14
C GLU A 192 -19.65 5.42 -0.15
N GLU A 193 -20.03 6.24 -1.14
CA GLU A 193 -19.63 7.64 -1.12
C GLU A 193 -20.30 8.39 0.02
N GLU A 194 -21.55 8.05 0.33
CA GLU A 194 -22.22 8.65 1.48
C GLU A 194 -21.54 8.24 2.78
N ASN A 195 -21.18 6.95 2.90
CA ASN A 195 -20.47 6.50 4.09
C ASN A 195 -19.16 7.27 4.26
N LEU A 196 -18.45 7.52 3.16
CA LEU A 196 -17.20 8.26 3.23
C LEU A 196 -17.44 9.72 3.63
N ARG A 197 -18.48 10.34 3.09
CA ARG A 197 -18.78 11.72 3.45
C ARG A 197 -19.13 11.85 4.94
N LYS A 198 -19.81 10.85 5.49
CA LYS A 198 -20.16 10.87 6.90
C LYS A 198 -18.97 10.50 7.76
N SER B 2 18.64 -7.66 25.75
CA SER B 2 19.46 -7.04 24.70
C SER B 2 19.92 -5.65 25.11
N SER B 3 21.08 -5.22 24.61
CA SER B 3 21.57 -3.87 24.89
C SER B 3 20.60 -2.84 24.32
N VAL B 4 20.70 -1.62 24.83
CA VAL B 4 19.71 -0.57 24.56
C VAL B 4 20.28 0.42 23.56
N PRO B 5 19.67 0.59 22.40
CA PRO B 5 20.15 1.60 21.44
C PRO B 5 19.98 3.00 22.01
N SER B 6 20.92 3.88 21.67
CA SER B 6 20.82 5.26 22.10
C SER B 6 19.62 5.94 21.47
N GLN B 7 18.97 6.81 22.23
CA GLN B 7 17.91 7.67 21.72
C GLN B 7 18.29 9.14 21.72
N LYS B 8 19.58 9.47 21.92
CA LYS B 8 19.97 10.86 22.05
C LYS B 8 19.92 11.58 20.71
N THR B 9 19.27 12.74 20.70
CA THR B 9 19.20 13.53 19.48
C THR B 9 20.59 13.97 19.04
N TYR B 10 20.88 13.81 17.76
CA TYR B 10 22.22 14.12 17.24
C TYR B 10 22.05 14.56 15.79
N GLN B 11 22.16 15.87 15.54
CA GLN B 11 21.97 16.32 14.16
C GLN B 11 23.12 15.92 13.25
N GLY B 12 24.34 15.84 13.78
CA GLY B 12 25.47 15.43 12.98
C GLY B 12 25.86 16.45 11.92
N SER B 13 26.76 16.00 11.05
CA SER B 13 27.39 16.90 10.08
C SER B 13 26.40 17.44 9.06
N TYR B 14 25.31 16.71 8.80
CA TYR B 14 24.35 17.10 7.77
C TYR B 14 23.15 17.86 8.32
N GLY B 15 23.09 18.09 9.63
CA GLY B 15 21.96 18.82 10.21
C GLY B 15 20.67 18.03 10.11
N PHE B 16 20.73 16.73 10.44
CA PHE B 16 19.60 15.82 10.25
C PHE B 16 18.57 15.98 11.36
N ARG B 17 17.29 16.07 10.97
CA ARG B 17 16.20 16.09 11.95
C ARG B 17 14.90 15.71 11.27
N LEU B 18 13.92 15.33 12.09
CA LEU B 18 12.62 14.90 11.58
C LEU B 18 11.64 16.06 11.47
N GLY B 19 10.59 15.84 10.69
CA GLY B 19 9.46 16.75 10.68
C GLY B 19 8.18 15.95 10.51
N PHE B 20 7.07 16.56 10.90
CA PHE B 20 5.77 15.92 10.84
C PHE B 20 4.75 16.87 10.27
N LEU B 21 3.77 16.32 9.56
CA LEU B 21 2.65 17.11 9.06
C LEU B 21 1.81 17.63 10.22
N HIS B 22 0.98 18.61 9.93
CA HIS B 22 0.03 19.16 10.90
C HIS B 22 -1.36 18.67 10.52
N SER B 23 -1.72 17.49 11.03
CA SER B 23 -2.91 16.79 10.59
C SER B 23 -4.15 17.04 11.45
N GLY B 24 -4.00 17.72 12.58
CA GLY B 24 -5.14 18.04 13.41
C GLY B 24 -5.58 16.87 14.27
N THR B 25 -6.72 17.06 14.94
CA THR B 25 -7.20 16.08 15.91
C THR B 25 -8.65 15.67 15.67
N ALA B 26 -9.15 15.83 14.45
CA ALA B 26 -10.51 15.40 14.16
C ALA B 26 -10.65 13.89 14.37
N LYS B 27 -11.90 13.46 14.60
CA LYS B 27 -12.15 12.05 14.89
C LYS B 27 -11.69 11.14 13.77
N SER B 28 -11.71 11.64 12.53
CA SER B 28 -11.39 10.83 11.35
C SER B 28 -9.88 10.70 11.10
N VAL B 29 -9.04 11.44 11.83
CA VAL B 29 -7.62 11.49 11.49
C VAL B 29 -6.97 10.14 11.77
N THR B 30 -6.11 9.71 10.85
CA THR B 30 -5.47 8.40 10.96
C THR B 30 -4.07 8.47 11.56
N CYS B 31 -3.46 9.66 11.57
CA CYS B 31 -2.12 9.84 12.09
C CYS B 31 -2.00 11.31 12.44
N THR B 32 -1.53 11.62 13.63
CA THR B 32 -1.36 13.00 14.05
C THR B 32 -0.21 13.10 15.04
N TYR B 33 0.58 14.15 14.93
CA TYR B 33 1.79 14.32 15.73
C TYR B 33 1.61 15.47 16.71
N SER B 34 2.00 15.23 17.97
CA SER B 34 1.96 16.27 19.00
C SER B 34 3.36 16.80 19.27
N PRO B 35 3.69 18.02 18.85
CA PRO B 35 4.99 18.59 19.24
C PRO B 35 5.16 18.73 20.74
N ALA B 36 4.11 19.10 21.47
CA ALA B 36 4.24 19.30 22.91
C ALA B 36 4.64 18.01 23.62
N LEU B 37 4.18 16.86 23.11
CA LEU B 37 4.49 15.57 23.69
C LEU B 37 5.62 14.85 22.96
N ASN B 38 6.12 15.39 21.84
CA ASN B 38 6.97 14.66 20.90
C ASN B 38 6.46 13.24 20.68
N LYS B 39 5.19 13.15 20.30
CA LYS B 39 4.50 11.87 20.27
C LYS B 39 3.61 11.78 19.03
N LEU B 40 3.77 10.70 18.28
CA LEU B 40 2.94 10.39 17.14
C LEU B 40 1.82 9.46 17.58
N PHE B 41 0.60 9.78 17.18
CA PHE B 41 -0.58 8.95 17.44
C PHE B 41 -1.10 8.44 16.10
N CYS B 42 -1.28 7.13 15.98
CA CYS B 42 -1.69 6.62 14.68
C CYS B 42 -2.59 5.39 14.84
N GLN B 43 -3.39 5.16 13.81
CA GLN B 43 -4.21 3.95 13.75
C GLN B 43 -3.36 2.76 13.27
N LEU B 44 -3.87 1.56 13.55
CA LEU B 44 -3.17 0.33 13.20
C LEU B 44 -2.96 0.23 11.70
N ALA B 45 -1.70 0.05 11.30
CA ALA B 45 -1.30 -0.23 9.92
C ALA B 45 -1.57 0.91 8.95
N LYS B 46 -1.89 2.11 9.44
CA LYS B 46 -2.16 3.22 8.54
C LYS B 46 -0.87 3.99 8.23
N THR B 47 -0.92 4.74 7.13
CA THR B 47 0.24 5.51 6.69
C THR B 47 0.63 6.57 7.72
N CYS B 48 1.89 6.56 8.12
CA CYS B 48 2.46 7.59 9.00
C CYS B 48 3.57 8.30 8.23
N PRO B 49 3.33 9.49 7.72
CA PRO B 49 4.39 10.21 6.99
C PRO B 49 5.38 10.84 7.97
N VAL B 50 6.65 10.56 7.77
CA VAL B 50 7.72 11.17 8.57
C VAL B 50 8.65 11.88 7.61
N GLN B 51 8.87 13.18 7.85
CA GLN B 51 9.76 13.95 7.01
C GLN B 51 11.19 13.87 7.52
N LEU B 52 12.14 13.85 6.59
CA LEU B 52 13.55 13.96 6.90
C LEU B 52 14.02 15.30 6.38
N TRP B 53 14.74 16.05 7.21
CA TRP B 53 15.27 17.37 6.86
C TRP B 53 16.77 17.36 7.08
N VAL B 54 17.52 17.99 6.17
CA VAL B 54 18.96 18.17 6.34
C VAL B 54 19.34 19.58 5.93
N ASP B 55 20.44 20.07 6.49
CA ASP B 55 21.02 21.34 6.06
C ASP B 55 21.90 21.17 4.82
N SER B 56 22.45 19.98 4.62
CA SER B 56 23.28 19.72 3.45
C SER B 56 23.07 18.29 3.00
N THR B 57 23.29 18.07 1.70
CA THR B 57 22.95 16.79 1.07
C THR B 57 23.93 15.70 1.51
N PRO B 58 23.45 14.58 2.01
CA PRO B 58 24.36 13.46 2.33
C PRO B 58 24.78 12.71 1.09
N PRO B 59 25.80 11.88 1.17
CA PRO B 59 26.33 11.19 -0.03
C PRO B 59 25.38 10.14 -0.56
N PRO B 60 25.48 9.80 -1.85
CA PRO B 60 24.73 8.65 -2.38
C PRO B 60 25.09 7.40 -1.58
N GLY B 61 24.07 6.62 -1.23
CA GLY B 61 24.28 5.44 -0.43
C GLY B 61 23.98 5.62 1.04
N THR B 62 23.79 6.87 1.49
CA THR B 62 23.30 7.09 2.83
C THR B 62 21.91 6.47 2.97
N ARG B 63 21.59 5.97 4.17
CA ARG B 63 20.32 5.29 4.42
C ARG B 63 19.68 5.83 5.68
N VAL B 64 18.38 5.55 5.84
CA VAL B 64 17.59 5.95 6.99
C VAL B 64 16.99 4.70 7.61
N ARG B 65 17.28 4.48 8.89
CA ARG B 65 16.82 3.29 9.61
C ARG B 65 15.82 3.68 10.71
N ALA B 66 14.81 2.85 10.92
CA ALA B 66 13.85 3.05 12.00
C ALA B 66 13.85 1.81 12.89
N MET B 67 13.78 2.04 14.21
CA MET B 67 13.77 0.97 15.20
C MET B 67 12.92 1.44 16.37
N ALA B 68 12.17 0.54 16.99
CA ALA B 68 11.39 0.86 18.17
C ALA B 68 12.07 0.32 19.43
N ILE B 69 12.00 1.09 20.52
CA ILE B 69 12.39 0.62 21.84
C ILE B 69 11.31 0.99 22.84
N TYR B 70 11.24 0.25 23.95
CA TYR B 70 10.35 0.66 25.03
C TYR B 70 10.90 1.90 25.73
N LYS B 71 9.98 2.80 26.11
CA LYS B 71 10.37 4.07 26.72
C LYS B 71 10.78 3.91 28.18
N GLN B 72 10.09 3.04 28.92
CA GLN B 72 10.31 2.95 30.36
C GLN B 72 11.58 2.16 30.67
N SER B 73 12.28 2.61 31.72
CA SER B 73 13.56 2.00 32.05
CA SER B 73 13.56 2.00 32.08
C SER B 73 13.43 0.51 32.32
N GLN B 74 12.32 0.08 32.93
CA GLN B 74 12.14 -1.33 33.26
C GLN B 74 11.93 -2.19 32.03
N HIS B 75 11.58 -1.60 30.90
CA HIS B 75 11.27 -2.37 29.70
C HIS B 75 12.23 -2.14 28.55
N MET B 76 13.14 -1.18 28.66
CA MET B 76 13.96 -0.81 27.51
CA MET B 76 13.96 -0.81 27.51
C MET B 76 14.86 -1.93 27.02
N THR B 77 15.22 -2.90 27.87
CA THR B 77 16.07 -3.99 27.38
C THR B 77 15.30 -5.07 26.63
N GLU B 78 13.97 -5.01 26.60
CA GLU B 78 13.16 -6.00 25.90
C GLU B 78 12.96 -5.59 24.44
N VAL B 79 13.14 -6.54 23.52
CA VAL B 79 12.92 -6.27 22.11
C VAL B 79 11.45 -5.92 21.88
N VAL B 80 11.19 -4.83 21.18
CA VAL B 80 9.84 -4.47 20.76
C VAL B 80 9.48 -5.34 19.56
N ARG B 81 8.41 -6.11 19.67
CA ARG B 81 7.99 -7.00 18.58
C ARG B 81 6.47 -7.04 18.51
N ARG B 82 5.97 -7.60 17.42
CA ARG B 82 4.53 -7.80 17.32
C ARG B 82 4.06 -8.88 18.28
N CYS B 83 2.79 -8.78 18.66
CA CYS B 83 2.18 -9.63 19.67
C CYS B 83 1.95 -11.04 19.11
N PRO B 84 1.62 -12.00 19.98
CA PRO B 84 1.45 -13.39 19.51
C PRO B 84 0.33 -13.56 18.50
N HIS B 85 -0.68 -12.69 18.53
CA HIS B 85 -1.73 -12.76 17.53
C HIS B 85 -1.26 -12.21 16.20
N HIS B 86 -0.76 -10.98 16.20
CA HIS B 86 -0.44 -10.32 14.94
C HIS B 86 0.74 -10.96 14.21
N GLU B 87 1.71 -11.53 14.93
CA GLU B 87 2.80 -12.18 14.24
C GLU B 87 2.34 -13.41 13.47
N ARG B 88 1.13 -13.91 13.76
CA ARG B 88 0.58 -15.12 13.15
C ARG B 88 -0.59 -14.87 12.22
N CYS B 89 -0.85 -13.63 11.81
N CYS B 89 -0.81 -13.62 11.80
CA CYS B 89 -2.05 -13.36 11.04
CA CYS B 89 -1.98 -13.23 11.03
C CYS B 89 -1.82 -13.27 9.53
C CYS B 89 -1.84 -13.40 9.53
N SER B 90 -0.65 -13.72 9.04
CA SER B 90 -0.39 -13.83 7.60
C SER B 90 -0.62 -12.52 6.85
N ASP B 91 -0.19 -11.41 7.45
CA ASP B 91 -0.43 -10.09 6.87
C ASP B 91 0.85 -9.44 6.33
N SER B 92 1.91 -10.21 6.13
CA SER B 92 3.13 -9.63 5.60
C SER B 92 2.95 -9.28 4.12
N ASP B 93 3.82 -8.38 3.66
CA ASP B 93 3.85 -7.96 2.26
C ASP B 93 4.90 -8.73 1.45
N GLY B 94 5.40 -9.84 1.99
CA GLY B 94 6.48 -10.57 1.37
C GLY B 94 7.86 -10.01 1.62
N LEU B 95 7.96 -8.80 2.18
CA LEU B 95 9.23 -8.19 2.54
C LEU B 95 9.43 -8.09 4.05
N ALA B 96 8.45 -7.55 4.75
CA ALA B 96 8.58 -7.41 6.20
C ALA B 96 8.37 -8.76 6.88
N PRO B 97 9.28 -9.17 7.75
CA PRO B 97 9.00 -10.35 8.56
C PRO B 97 7.76 -10.11 9.40
N PRO B 98 6.96 -11.16 9.65
CA PRO B 98 5.70 -10.96 10.38
C PRO B 98 5.89 -10.49 11.82
N GLN B 99 7.09 -10.62 12.38
CA GLN B 99 7.35 -10.18 13.75
C GLN B 99 7.62 -8.68 13.86
N HIS B 100 7.92 -8.00 12.76
CA HIS B 100 8.38 -6.61 12.84
C HIS B 100 7.23 -5.64 13.06
N LEU B 101 7.36 -4.80 14.08
CA LEU B 101 6.35 -3.78 14.35
C LEU B 101 6.29 -2.72 13.26
N ILE B 102 7.46 -2.22 12.83
CA ILE B 102 7.53 -1.09 11.92
C ILE B 102 7.77 -1.60 10.51
N ARG B 103 6.91 -1.22 9.58
CA ARG B 103 7.12 -1.43 8.15
C ARG B 103 7.27 -0.09 7.43
N VAL B 104 7.92 -0.14 6.28
CA VAL B 104 7.91 0.98 5.33
C VAL B 104 6.92 0.64 4.24
N GLU B 105 6.03 1.57 3.94
CA GLU B 105 5.00 1.39 2.92
C GLU B 105 5.51 1.93 1.59
N GLY B 106 5.31 1.15 0.53
CA GLY B 106 5.54 1.64 -0.83
C GLY B 106 6.97 1.94 -1.21
N ASN B 107 7.93 1.14 -0.74
CA ASN B 107 9.33 1.28 -1.14
C ASN B 107 9.93 -0.12 -1.25
N LEU B 108 10.08 -0.59 -2.49
CA LEU B 108 10.66 -1.93 -2.70
C LEU B 108 12.13 -2.01 -2.33
N ARG B 109 12.78 -0.88 -2.04
CA ARG B 109 14.16 -0.90 -1.59
C ARG B 109 14.30 -1.00 -0.08
N ALA B 110 13.19 -1.06 0.64
CA ALA B 110 13.25 -1.26 2.08
C ALA B 110 13.87 -2.61 2.40
N GLU B 111 14.72 -2.64 3.42
CA GLU B 111 15.30 -3.87 3.91
C GLU B 111 15.01 -3.99 5.40
N TYR B 112 14.76 -5.21 5.83
CA TYR B 112 14.42 -5.51 7.21
C TYR B 112 15.55 -6.29 7.85
N LEU B 113 15.95 -5.88 9.04
CA LEU B 113 17.07 -6.49 9.75
C LEU B 113 16.59 -7.10 11.07
N ASP B 114 16.95 -8.36 11.30
CA ASP B 114 16.96 -8.97 12.63
C ASP B 114 18.41 -8.95 13.07
N ASP B 115 18.75 -8.10 14.04
CA ASP B 115 20.14 -7.98 14.43
C ASP B 115 20.63 -9.29 15.00
N ARG B 116 21.78 -9.76 14.50
CA ARG B 116 22.28 -11.07 14.90
C ARG B 116 22.74 -11.12 16.35
N ASN B 117 23.06 -9.98 16.95
CA ASN B 117 23.54 -9.94 18.32
C ASN B 117 22.48 -9.48 19.31
N THR B 118 21.74 -8.42 18.99
CA THR B 118 20.76 -7.85 19.90
C THR B 118 19.36 -8.38 19.66
N PHE B 119 19.11 -9.02 18.53
CA PHE B 119 17.80 -9.54 18.12
C PHE B 119 16.79 -8.44 17.87
N ARG B 120 17.20 -7.18 17.87
CA ARG B 120 16.25 -6.12 17.61
C ARG B 120 15.94 -6.00 16.13
N HIS B 121 14.74 -5.50 15.84
CA HIS B 121 14.25 -5.36 14.49
C HIS B 121 14.43 -3.93 14.02
N SER B 122 14.69 -3.77 12.73
CA SER B 122 14.70 -2.44 12.15
C SER B 122 14.39 -2.54 10.67
N VAL B 123 14.02 -1.40 10.09
CA VAL B 123 13.76 -1.31 8.66
C VAL B 123 14.53 -0.11 8.13
N VAL B 124 15.21 -0.30 7.01
CA VAL B 124 16.13 0.71 6.49
C VAL B 124 15.84 0.94 5.01
N VAL B 125 15.89 2.20 4.58
CA VAL B 125 15.68 2.56 3.18
C VAL B 125 16.79 3.47 2.71
N PRO B 126 17.11 3.46 1.42
CA PRO B 126 18.07 4.43 0.89
C PRO B 126 17.52 5.85 0.95
N CYS B 127 18.41 6.79 1.26
CA CYS B 127 18.06 8.20 1.09
C CYS B 127 17.84 8.50 -0.38
N GLU B 128 16.79 9.27 -0.65
CA GLU B 128 16.53 9.79 -1.98
C GLU B 128 16.31 11.29 -1.88
N PRO B 129 16.68 12.04 -2.90
CA PRO B 129 16.48 13.49 -2.87
C PRO B 129 15.01 13.82 -2.83
N PRO B 130 14.65 14.99 -2.30
CA PRO B 130 13.25 15.41 -2.35
C PRO B 130 12.74 15.45 -3.78
N GLU B 131 11.46 15.16 -3.95
CA GLU B 131 10.84 15.30 -5.25
C GLU B 131 10.81 16.78 -5.64
N VAL B 132 10.69 17.02 -6.95
CA VAL B 132 10.64 18.38 -7.44
C VAL B 132 9.50 19.14 -6.79
N GLY B 133 9.77 20.36 -6.36
CA GLY B 133 8.78 21.15 -5.66
C GLY B 133 8.61 20.84 -4.20
N SER B 134 9.47 20.00 -3.63
CA SER B 134 9.47 19.71 -2.21
C SER B 134 10.84 20.02 -1.63
N ASP B 135 10.85 20.36 -0.34
CA ASP B 135 12.08 20.72 0.36
C ASP B 135 12.59 19.62 1.27
N CYS B 136 11.85 18.52 1.42
CA CYS B 136 12.26 17.44 2.29
C CYS B 136 11.82 16.13 1.65
N THR B 137 12.32 15.05 2.21
CA THR B 137 11.95 13.71 1.79
C THR B 137 11.06 13.11 2.86
N THR B 138 10.08 12.31 2.43
CA THR B 138 9.14 11.68 3.34
C THR B 138 9.26 10.16 3.22
N ILE B 139 9.26 9.49 4.36
CA ILE B 139 9.12 8.04 4.44
C ILE B 139 7.75 7.75 5.04
N HIS B 140 7.06 6.78 4.48
CA HIS B 140 5.75 6.35 4.99
CA HIS B 140 5.75 6.36 5.00
C HIS B 140 5.95 5.09 5.82
N TYR B 141 5.70 5.19 7.12
CA TYR B 141 5.80 4.05 8.02
C TYR B 141 4.42 3.51 8.36
N ASN B 142 4.37 2.23 8.70
CA ASN B 142 3.17 1.58 9.22
C ASN B 142 3.54 0.89 10.52
N TYR B 143 2.71 1.03 11.55
CA TYR B 143 2.90 0.34 12.82
C TYR B 143 1.87 -0.79 12.90
N MET B 144 2.35 -2.01 13.14
CA MET B 144 1.55 -3.21 12.85
C MET B 144 0.94 -3.88 14.08
N CYS B 145 0.99 -3.24 15.24
CA CYS B 145 0.26 -3.66 16.43
C CYS B 145 -0.27 -2.43 17.14
N TYR B 146 -1.34 -2.60 17.90
CA TYR B 146 -1.79 -1.56 18.82
C TYR B 146 -0.87 -1.49 20.02
N SER B 147 -0.74 -0.30 20.60
CA SER B 147 -0.01 -0.18 21.86
C SER B 147 -0.56 -1.12 22.92
N SER B 148 -1.85 -1.44 22.86
CA SER B 148 -2.49 -2.26 23.87
C SER B 148 -2.38 -3.76 23.62
N CYS B 149 -1.76 -4.20 22.52
CA CYS B 149 -1.80 -5.62 22.17
C CYS B 149 -1.25 -6.50 23.27
N MET B 150 -2.07 -7.46 23.72
CA MET B 150 -1.66 -8.37 24.79
C MET B 150 -0.52 -9.26 24.30
N GLY B 151 0.48 -9.45 25.17
CA GLY B 151 1.63 -10.25 24.81
C GLY B 151 2.62 -9.57 23.89
N GLY B 152 2.31 -8.37 23.42
CA GLY B 152 3.26 -7.56 22.67
C GLY B 152 3.57 -6.31 23.46
N MET B 153 3.27 -5.13 22.90
CA MET B 153 3.54 -3.89 23.63
C MET B 153 2.78 -3.83 24.95
N ASN B 154 1.57 -4.38 25.00
CA ASN B 154 0.83 -4.56 26.26
C ASN B 154 0.75 -3.26 27.07
N ARG B 155 0.38 -2.17 26.39
CA ARG B 155 0.14 -0.83 26.93
C ARG B 155 1.42 -0.09 27.29
N ARG B 156 2.58 -0.65 27.03
CA ARG B 156 3.84 0.01 27.35
C ARG B 156 4.19 0.99 26.25
N PRO B 157 4.51 2.23 26.59
CA PRO B 157 4.87 3.21 25.56
C PRO B 157 6.19 2.87 24.88
N ILE B 158 6.27 3.19 23.60
CA ILE B 158 7.47 2.98 22.81
C ILE B 158 7.96 4.30 22.23
N LEU B 159 9.24 4.30 21.85
CA LEU B 159 9.82 5.35 21.03
C LEU B 159 10.26 4.74 19.71
N THR B 160 10.16 5.50 18.64
CA THR B 160 10.82 5.17 17.39
C THR B 160 12.09 6.01 17.29
N ILE B 161 13.21 5.36 17.02
CA ILE B 161 14.50 6.01 16.81
C ILE B 161 14.79 5.97 15.31
N ILE B 162 15.03 7.13 14.72
CA ILE B 162 15.35 7.24 13.30
C ILE B 162 16.81 7.62 13.21
N THR B 163 17.59 6.81 12.50
CA THR B 163 19.01 7.08 12.34
CA THR B 163 19.02 7.03 12.35
C THR B 163 19.35 7.29 10.88
N LEU B 164 20.19 8.27 10.63
CA LEU B 164 20.81 8.48 9.33
C LEU B 164 22.16 7.77 9.38
N GLU B 165 22.45 6.93 8.38
CA GLU B 165 23.61 6.05 8.42
C GLU B 165 24.33 6.10 7.09
N ASP B 166 25.66 5.93 7.13
CA ASP B 166 26.37 5.77 5.86
C ASP B 166 26.15 4.36 5.32
N SER B 167 26.76 4.07 4.17
CA SER B 167 26.51 2.80 3.51
C SER B 167 27.03 1.59 4.30
N SER B 168 27.96 1.81 5.23
CA SER B 168 28.42 0.76 6.14
C SER B 168 27.56 0.60 7.38
N GLY B 169 26.60 1.49 7.60
CA GLY B 169 25.84 1.48 8.82
C GLY B 169 26.36 2.38 9.92
N ASN B 170 27.41 3.17 9.68
CA ASN B 170 27.91 4.07 10.71
C ASN B 170 26.96 5.24 10.90
N LEU B 171 26.86 5.69 12.15
CA LEU B 171 25.90 6.72 12.52
C LEU B 171 26.28 8.09 11.95
N LEU B 172 25.33 8.75 11.31
CA LEU B 172 25.49 10.13 10.86
C LEU B 172 24.56 11.11 11.57
N GLY B 173 23.40 10.65 12.05
CA GLY B 173 22.45 11.51 12.72
C GLY B 173 21.39 10.67 13.38
N ARG B 174 20.70 11.25 14.36
CA ARG B 174 19.72 10.50 15.14
C ARG B 174 18.63 11.45 15.63
N ASP B 175 17.40 10.96 15.60
CA ASP B 175 16.25 11.67 16.17
C ASP B 175 15.27 10.61 16.64
N SER B 176 14.23 11.02 17.36
CA SER B 176 13.31 10.04 17.92
C SER B 176 11.99 10.70 18.28
N PHE B 177 10.96 9.87 18.45
CA PHE B 177 9.64 10.32 18.85
C PHE B 177 8.90 9.17 19.51
N GLU B 178 8.03 9.50 20.47
CA GLU B 178 7.17 8.49 21.07
C GLU B 178 6.04 8.15 20.10
N VAL B 179 5.51 6.93 20.22
CA VAL B 179 4.41 6.49 19.37
C VAL B 179 3.34 5.84 20.23
N ARG B 180 2.09 6.16 19.97
CA ARG B 180 0.93 5.41 20.47
C ARG B 180 0.13 4.96 19.25
N VAL B 181 -0.07 3.66 19.13
CA VAL B 181 -0.91 3.09 18.09
C VAL B 181 -2.25 2.78 18.73
N CYS B 182 -3.32 3.39 18.22
CA CYS B 182 -4.59 3.39 18.93
C CYS B 182 -5.73 3.58 17.95
N ALA B 183 -6.95 3.29 18.41
CA ALA B 183 -8.11 3.36 17.54
C ALA B 183 -8.48 4.80 17.17
N CYS B 184 -8.30 5.76 18.07
CA CYS B 184 -8.74 7.14 17.87
CA CYS B 184 -8.73 7.14 17.85
C CYS B 184 -7.59 8.10 18.18
N PRO B 185 -6.65 8.25 17.25
CA PRO B 185 -5.48 9.12 17.50
C PRO B 185 -5.85 10.55 17.81
N GLY B 186 -6.84 11.13 17.13
CA GLY B 186 -7.18 12.52 17.37
C GLY B 186 -7.68 12.74 18.79
N ARG B 187 -8.59 11.87 19.25
CA ARG B 187 -9.08 11.97 20.61
C ARG B 187 -7.97 11.74 21.62
N ASP B 188 -7.10 10.76 21.38
CA ASP B 188 -6.06 10.47 22.35
C ASP B 188 -5.04 11.60 22.41
N ARG B 189 -4.71 12.20 21.26
CA ARG B 189 -3.81 13.36 21.29
C ARG B 189 -4.42 14.50 22.09
N ARG B 190 -5.70 14.81 21.85
CA ARG B 190 -6.36 15.86 22.61
C ARG B 190 -6.34 15.56 24.10
N THR B 191 -6.64 14.32 24.48
CA THR B 191 -6.66 13.94 25.89
C THR B 191 -5.28 14.10 26.52
N GLU B 192 -4.25 13.57 25.85
CA GLU B 192 -2.91 13.63 26.44
C GLU B 192 -2.37 15.05 26.48
N GLU B 193 -2.69 15.88 25.49
CA GLU B 193 -2.29 17.29 25.55
C GLU B 193 -3.03 18.03 26.64
N GLU B 194 -4.31 17.69 26.85
CA GLU B 194 -5.06 18.31 27.95
C GLU B 194 -4.47 17.91 29.29
N ASN B 195 -4.10 16.63 29.44
CA ASN B 195 -3.46 16.19 30.68
C ASN B 195 -2.16 16.96 30.92
N LEU B 196 -1.38 17.18 29.86
CA LEU B 196 -0.12 17.90 30.00
C LEU B 196 -0.33 19.31 30.53
N ARG B 197 -1.38 19.98 30.04
CA ARG B 197 -1.71 21.33 30.52
C ARG B 197 -2.09 21.31 31.99
N LYS B 198 -3.05 20.45 32.33
ZN ZN C . -18.37 -16.67 -8.51
C10 9GK D . 3.50 1.12 -29.70
C13 9GK D . 4.38 0.60 -32.30
C15 9GK D . 4.47 1.94 -30.29
C17 9GK D . -1.44 1.26 -24.10
C01 9GK D . 1.20 5.10 -27.63
C02 9GK D . 0.93 3.97 -26.84
C03 9GK D . -0.07 4.09 -25.86
C04 9GK D . -0.75 5.31 -25.68
C05 9GK D . -0.45 6.42 -26.48
C06 9GK D . 0.53 6.33 -27.46
C07 9GK D . 0.89 7.49 -28.34
C08 9GK D . 1.82 2.33 -28.31
C09 9GK D . 3.01 1.40 -28.30
C11 9GK D . 2.97 0.04 -30.43
C12 9GK D . 3.41 -0.23 -31.72
C14 9GK D . 4.90 1.68 -31.58
C16 9GK D . -1.31 2.01 -25.24
C18 9GK D . -0.62 1.84 -23.11
C19 9GK D . -0.03 2.95 -23.67
I01 9GK D . -2.29 5.54 -24.22
N01 9GK D . -0.43 3.04 -24.99
O01 9GK D . -1.12 7.60 -26.30
O02 9GK D . 1.56 2.76 -26.97
O03 9GK D . 1.76 7.28 -29.24
O04 9GK D . 0.27 8.59 -28.11
ZN ZN E . -0.75 -7.01 17.98
C10 9GK F . 21.42 10.98 -2.37
C13 9GK F . 22.18 10.60 -5.03
C15 9GK F . 22.34 11.86 -2.96
C17 9GK F . 16.66 10.99 3.32
C01 9GK F . 19.26 14.87 -0.20
C02 9GK F . 18.97 13.74 0.60
C03 9GK F . 18.01 13.87 1.62
C04 9GK F . 17.36 15.11 1.82
C05 9GK F . 17.67 16.23 1.02
C06 9GK F . 18.62 16.12 -0.01
C07 9GK F . 18.97 17.28 -0.89
C08 9GK F . 19.82 12.14 -0.92
C09 9GK F . 21.01 11.18 -0.94
C11 9GK F . 20.89 9.92 -3.12
C12 9GK F . 21.28 9.73 -4.43
C14 9GK F . 22.71 11.66 -4.29
C16 9GK F . 16.78 11.78 2.20
C18 9GK F . 17.44 11.56 4.34
C19 9GK F . 18.04 12.69 3.80
I01 9GK F . 15.89 15.35 3.34
N01 9GK F . 17.65 12.81 2.48
O01 9GK F . 17.05 17.43 1.22
O02 9GK F . 19.57 12.53 0.43
O03 9GK F . 19.77 17.04 -1.85
O04 9GK F . 18.42 18.41 -0.63
C1 GOL G . 12.87 -12.77 15.78
O1 GOL G . 11.70 -12.00 15.63
C2 GOL G . 14.09 -11.82 15.83
O2 GOL G . 14.07 -11.02 17.00
C3 GOL G . 15.36 -12.66 15.77
O3 GOL G . 16.47 -11.80 15.76
#